data_7MO1
#
_entry.id   7MO1
#
_cell.length_a   60.276
_cell.length_b   79.619
_cell.length_c   55.063
_cell.angle_alpha   90.000
_cell.angle_beta   90.000
_cell.angle_gamma   90.000
#
_symmetry.space_group_name_H-M   'P 21 21 2'
#
loop_
_entity.id
_entity.type
_entity.pdbx_description
1 polymer 'GTP-binding nuclear protein Ran'
2 polymer 'Nuclear pore complex protein Nup153'
3 non-polymer "GUANOSINE-5'-DIPHOSPHATE"
4 non-polymer 'MAGNESIUM ION'
5 non-polymer 'ZINC ION'
6 water water
#
loop_
_entity_poly.entity_id
_entity_poly.type
_entity_poly.pdbx_seq_one_letter_code
_entity_poly.pdbx_strand_id
1 'polypeptide(L)'
;SMAAQGEPQVQFKLVLVGDGGTGKTTFVKRHLTGESEKKYVATLGVEVHPLVFHTNRGPIKFNVWDTAGQEKFGGLRDGY
YIQAQCAIIMFDVTSRVTYKNVPNWHRDLVRVCENIPIVLCGNKVDIKDRKVKAKSIVFHRKKNLQYYDISAKSNYNFEK
PFLWLARKLIGDPNLEFVAMPALAPPEVVMDPALAAQYEHDLEVAQTTALPDEDDDL
;
A
2 'polypeptide(L)' GPLGSGVEFGESLKAGSSWQCDTCLLQNKVTDNKCIACQAAKLP B
#
# COMPACT_ATOMS: atom_id res chain seq x y z
N SER A 1 -17.56 -15.61 -6.98
CA SER A 1 -17.24 -17.03 -7.28
C SER A 1 -15.83 -17.38 -6.82
N MET A 2 -15.58 -18.69 -6.72
CA MET A 2 -14.27 -19.20 -6.37
C MET A 2 -13.33 -19.10 -7.57
N ALA A 3 -12.17 -18.50 -7.36
CA ALA A 3 -11.17 -18.41 -8.41
C ALA A 3 -10.61 -19.80 -8.73
N ALA A 4 -10.15 -19.98 -9.96
CA ALA A 4 -9.74 -21.30 -10.45
C ALA A 4 -8.69 -21.92 -9.54
N PRO A 8 -0.56 -22.89 -4.61
CA PRO A 8 -0.77 -21.78 -3.68
C PRO A 8 0.28 -20.70 -3.81
N GLN A 9 -0.14 -19.47 -3.58
CA GLN A 9 0.69 -18.30 -3.82
C GLN A 9 0.57 -17.39 -2.62
N VAL A 10 1.69 -16.79 -2.21
CA VAL A 10 1.67 -15.84 -1.12
C VAL A 10 0.97 -14.57 -1.61
N GLN A 11 -0.11 -14.20 -0.94
CA GLN A 11 -0.74 -12.93 -1.29
C GLN A 11 -1.33 -12.27 -0.05
N PHE A 12 -1.41 -10.96 -0.13
CA PHE A 12 -1.85 -10.14 1.00
C PHE A 12 -2.82 -9.08 0.53
N LYS A 13 -3.86 -8.86 1.31
CA LYS A 13 -4.72 -7.71 1.09
C LYS A 13 -4.06 -6.49 1.68
N LEU A 14 -3.85 -5.48 0.85
CA LEU A 14 -3.21 -4.22 1.27
C LEU A 14 -4.25 -3.14 1.00
N VAL A 15 -4.63 -2.37 2.03
CA VAL A 15 -5.53 -1.24 1.82
C VAL A 15 -4.68 0.02 1.68
N LEU A 16 -5.00 0.83 0.68
CA LEU A 16 -4.30 2.06 0.38
C LEU A 16 -5.22 3.23 0.69
N VAL A 17 -4.94 3.92 1.80
CA VAL A 17 -5.82 4.96 2.28
C VAL A 17 -5.08 6.28 2.45
N GLY A 18 -5.88 7.35 2.66
CA GLY A 18 -5.37 8.68 2.69
C GLY A 18 -6.34 9.66 2.04
N ASP A 19 -6.17 10.96 2.26
CA ASP A 19 -7.10 11.93 1.75
C ASP A 19 -7.22 11.83 0.23
N GLY A 20 -8.40 12.23 -0.27
CA GLY A 20 -8.53 12.39 -1.70
C GLY A 20 -7.51 13.37 -2.24
N GLY A 21 -6.98 13.09 -3.41
CA GLY A 21 -6.06 13.94 -4.09
C GLY A 21 -4.62 13.74 -3.69
N THR A 22 -4.32 12.77 -2.84
CA THR A 22 -2.95 12.59 -2.40
C THR A 22 -2.11 11.77 -3.37
N GLY A 23 -2.76 11.08 -4.32
CA GLY A 23 -2.05 10.31 -5.33
C GLY A 23 -2.19 8.82 -5.23
N LYS A 24 -3.17 8.32 -4.48
CA LYS A 24 -3.26 6.89 -4.24
C LYS A 24 -3.44 6.13 -5.55
N THR A 25 -4.38 6.61 -6.36
CA THR A 25 -4.66 5.92 -7.63
C THR A 25 -3.45 6.00 -8.56
N THR A 26 -2.87 7.19 -8.70
CA THR A 26 -1.68 7.34 -9.53
C THR A 26 -0.59 6.38 -9.07
N PHE A 27 -0.43 6.23 -7.77
CA PHE A 27 0.62 5.37 -7.23
C PHE A 27 0.36 3.91 -7.57
N VAL A 28 -0.80 3.40 -7.23
CA VAL A 28 -1.01 1.96 -7.44
C VAL A 28 -0.90 1.65 -8.93
N LYS A 29 -1.31 2.58 -9.81
CA LYS A 29 -1.33 2.34 -11.25
C LYS A 29 0.05 2.24 -11.87
N ARG A 30 1.12 2.58 -11.13
CA ARG A 30 2.44 2.52 -11.76
C ARG A 30 2.79 1.09 -12.13
N HIS A 31 2.29 0.15 -11.37
CA HIS A 31 2.58 -1.29 -11.59
C HIS A 31 1.71 -1.79 -12.74
N LEU A 32 2.37 -2.03 -13.89
CA LEU A 32 1.63 -2.24 -15.13
C LEU A 32 0.75 -3.49 -15.08
N THR A 33 1.29 -4.60 -14.59
CA THR A 33 0.47 -5.81 -14.58
C THR A 33 -0.65 -5.70 -13.55
N GLY A 34 -0.36 -5.00 -12.45
CA GLY A 34 -1.43 -4.76 -11.50
C GLY A 34 -2.58 -3.97 -12.07
N GLU A 35 -2.32 -3.12 -13.04
CA GLU A 35 -3.36 -2.35 -13.68
C GLU A 35 -4.06 -3.17 -14.76
N SER A 36 -3.30 -3.93 -15.56
CA SER A 36 -3.97 -4.70 -16.59
C SER A 36 -4.80 -5.85 -16.02
N GLU A 37 -4.49 -6.34 -14.82
CA GLU A 37 -5.20 -7.43 -14.19
C GLU A 37 -6.07 -6.98 -13.01
N LYS A 38 -6.33 -5.69 -12.92
CA LYS A 38 -7.12 -5.19 -11.79
C LYS A 38 -8.57 -5.68 -11.88
N LYS A 39 -9.21 -5.77 -10.71
CA LYS A 39 -10.58 -6.24 -10.59
C LYS A 39 -11.42 -5.10 -10.02
N TYR A 40 -12.56 -4.83 -10.64
CA TYR A 40 -13.51 -3.86 -10.09
C TYR A 40 -14.51 -4.59 -9.21
N VAL A 41 -14.72 -4.07 -8.02
CA VAL A 41 -15.63 -4.64 -7.02
C VAL A 41 -16.80 -3.70 -6.91
N ALA A 42 -17.91 -4.03 -7.58
CA ALA A 42 -19.03 -3.09 -7.68
C ALA A 42 -19.66 -2.84 -6.33
N THR A 43 -19.82 -3.88 -5.50
CA THR A 43 -20.52 -3.70 -4.24
C THR A 43 -19.81 -2.69 -3.32
N LEU A 44 -18.51 -2.55 -3.45
CA LEU A 44 -17.75 -1.68 -2.59
C LEU A 44 -17.15 -0.45 -3.29
N GLY A 45 -17.25 -0.35 -4.60
CA GLY A 45 -16.60 0.73 -5.32
C GLY A 45 -15.09 0.75 -5.15
N VAL A 46 -14.47 -0.39 -5.44
CA VAL A 46 -13.05 -0.55 -5.21
C VAL A 46 -12.46 -1.16 -6.47
N GLU A 47 -11.23 -0.78 -6.78
CA GLU A 47 -10.43 -1.51 -7.80
C GLU A 47 -9.28 -2.20 -7.07
N VAL A 48 -9.24 -3.55 -7.16
CA VAL A 48 -8.20 -4.35 -6.51
C VAL A 48 -7.12 -4.64 -7.54
N HIS A 49 -5.91 -4.14 -7.30
CA HIS A 49 -4.79 -4.29 -8.22
C HIS A 49 -3.90 -5.40 -7.69
N PRO A 50 -3.67 -6.50 -8.45
CA PRO A 50 -2.78 -7.54 -7.95
C PRO A 50 -1.34 -7.25 -8.34
N LEU A 51 -0.52 -6.80 -7.39
CA LEU A 51 0.83 -6.38 -7.65
C LEU A 51 1.82 -7.49 -7.24
N VAL A 52 2.40 -8.17 -8.23
N VAL A 52 2.40 -8.15 -8.23
CA VAL A 52 3.41 -9.19 -7.95
CA VAL A 52 3.43 -9.15 -7.96
C VAL A 52 4.79 -8.57 -7.83
C VAL A 52 4.75 -8.46 -7.73
N PHE A 53 5.53 -9.04 -6.83
CA PHE A 53 6.91 -8.69 -6.64
C PHE A 53 7.68 -9.99 -6.52
N HIS A 54 8.83 -10.07 -7.16
CA HIS A 54 9.60 -11.32 -7.15
C HIS A 54 10.72 -11.23 -6.14
N THR A 55 10.61 -12.06 -5.08
CA THR A 55 11.58 -12.02 -4.00
C THR A 55 12.57 -13.14 -4.14
N ASN A 56 13.62 -13.09 -3.30
CA ASN A 56 14.59 -14.19 -3.30
C ASN A 56 14.02 -15.50 -2.81
N ARG A 57 12.83 -15.48 -2.19
CA ARG A 57 12.15 -16.71 -1.80
C ARG A 57 10.93 -17.03 -2.65
N GLY A 58 10.75 -16.35 -3.77
CA GLY A 58 9.60 -16.57 -4.63
C GLY A 58 8.73 -15.33 -4.77
N PRO A 59 7.65 -15.49 -5.51
CA PRO A 59 6.74 -14.35 -5.75
C PRO A 59 5.83 -14.06 -4.57
N ILE A 60 5.49 -12.78 -4.42
N ILE A 60 5.56 -12.77 -4.38
CA ILE A 60 4.46 -12.36 -3.47
CA ILE A 60 4.52 -12.28 -3.47
C ILE A 60 3.57 -11.30 -4.12
C ILE A 60 3.54 -11.48 -4.31
N LYS A 61 2.28 -11.43 -3.88
CA LYS A 61 1.29 -10.54 -4.50
C LYS A 61 0.68 -9.68 -3.40
N PHE A 62 0.75 -8.37 -3.57
CA PHE A 62 -0.05 -7.46 -2.78
C PHE A 62 -1.27 -7.11 -3.60
N ASN A 63 -2.45 -7.51 -3.10
CA ASN A 63 -3.73 -7.17 -3.71
C ASN A 63 -4.15 -5.85 -3.09
N VAL A 64 -3.89 -4.76 -3.83
CA VAL A 64 -4.03 -3.40 -3.33
C VAL A 64 -5.43 -2.89 -3.62
N TRP A 65 -6.12 -2.50 -2.57
CA TRP A 65 -7.50 -1.99 -2.65
C TRP A 65 -7.45 -0.46 -2.84
N ASP A 66 -7.78 0.00 -4.05
CA ASP A 66 -7.84 1.41 -4.33
C ASP A 66 -9.29 1.88 -4.37
N THR A 67 -9.58 2.99 -3.67
CA THR A 67 -10.92 3.50 -3.67
C THR A 67 -11.31 4.02 -5.05
N ALA A 68 -12.60 4.35 -5.17
CA ALA A 68 -13.14 5.07 -6.32
C ALA A 68 -13.52 6.49 -5.93
N GLY A 69 -12.76 7.06 -4.97
CA GLY A 69 -12.91 8.45 -4.58
C GLY A 69 -13.81 8.69 -3.40
N GLN A 70 -14.37 7.62 -2.81
CA GLN A 70 -15.39 7.85 -1.80
C GLN A 70 -14.82 8.52 -0.56
N GLU A 71 -13.49 8.43 -0.36
CA GLU A 71 -12.87 9.05 0.80
C GLU A 71 -13.05 10.55 0.81
N LYS A 72 -13.41 11.13 -0.31
CA LYS A 72 -13.62 12.59 -0.31
C LYS A 72 -14.85 12.99 0.48
N PHE A 73 -15.73 12.05 0.82
CA PHE A 73 -17.04 12.36 1.38
C PHE A 73 -17.28 11.75 2.74
N GLY A 74 -16.32 11.04 3.29
CA GLY A 74 -16.47 10.45 4.60
C GLY A 74 -15.55 9.25 4.73
N GLY A 75 -15.72 8.56 5.84
CA GLY A 75 -14.95 7.36 6.08
C GLY A 75 -15.36 6.24 5.16
N LEU A 76 -14.48 5.24 5.04
CA LEU A 76 -14.74 4.09 4.21
C LEU A 76 -15.50 3.05 5.02
N ARG A 77 -16.29 2.24 4.32
N ARG A 77 -16.28 2.23 4.32
CA ARG A 77 -17.12 1.24 4.97
CA ARG A 77 -17.14 1.27 5.00
C ARG A 77 -16.27 0.09 5.49
C ARG A 77 -16.32 0.03 5.41
N ASP A 78 -16.88 -0.69 6.39
CA ASP A 78 -16.14 -1.80 7.00
C ASP A 78 -15.68 -2.82 5.98
N GLY A 79 -16.50 -3.09 4.96
CA GLY A 79 -16.11 -4.07 3.98
C GLY A 79 -14.84 -3.71 3.24
N TYR A 80 -14.58 -2.41 3.07
CA TYR A 80 -13.31 -1.98 2.48
C TYR A 80 -12.15 -2.51 3.30
N TYR A 81 -12.21 -2.36 4.62
CA TYR A 81 -11.08 -2.69 5.47
C TYR A 81 -10.99 -4.16 5.83
N ILE A 82 -12.06 -4.93 5.66
CA ILE A 82 -12.15 -6.19 6.36
C ILE A 82 -11.08 -7.15 5.84
N GLN A 83 -10.41 -7.84 6.78
N GLN A 83 -10.40 -7.82 6.78
CA GLN A 83 -9.33 -8.78 6.53
CA GLN A 83 -9.34 -8.79 6.52
C GLN A 83 -8.14 -8.18 5.80
C GLN A 83 -8.13 -8.18 5.82
N ALA A 84 -7.98 -6.85 5.83
CA ALA A 84 -6.72 -6.28 5.41
C ALA A 84 -5.59 -6.85 6.24
N GLN A 85 -4.46 -7.14 5.55
CA GLN A 85 -3.27 -7.68 6.22
C GLN A 85 -2.15 -6.67 6.34
N CYS A 86 -2.24 -5.56 5.64
CA CYS A 86 -1.26 -4.49 5.69
C CYS A 86 -1.89 -3.28 5.03
N ALA A 87 -1.17 -2.14 5.15
CA ALA A 87 -1.73 -0.89 4.65
C ALA A 87 -0.64 0.08 4.29
N ILE A 88 -0.96 0.99 3.36
CA ILE A 88 -0.22 2.22 3.13
C ILE A 88 -1.13 3.38 3.42
N ILE A 89 -0.69 4.30 4.28
CA ILE A 89 -1.36 5.58 4.46
C ILE A 89 -0.60 6.62 3.66
N MET A 90 -1.28 7.30 2.75
N MET A 90 -1.32 7.34 2.81
CA MET A 90 -0.63 8.30 1.91
CA MET A 90 -0.76 8.33 1.92
C MET A 90 -1.10 9.70 2.25
C MET A 90 -1.11 9.73 2.37
N PHE A 91 -0.17 10.64 2.19
CA PHE A 91 -0.47 12.07 2.23
C PHE A 91 0.33 12.73 1.12
N ASP A 92 0.05 14.02 0.92
CA ASP A 92 0.65 14.83 -0.15
C ASP A 92 1.56 15.84 0.54
N VAL A 93 2.86 15.81 0.22
CA VAL A 93 3.82 16.67 0.91
C VAL A 93 3.67 18.13 0.54
N THR A 94 2.82 18.46 -0.45
CA THR A 94 2.48 19.85 -0.75
C THR A 94 1.18 20.28 -0.08
N SER A 95 0.54 19.42 0.70
CA SER A 95 -0.72 19.78 1.36
C SER A 95 -0.66 19.39 2.84
N ARG A 96 -0.46 20.39 3.71
CA ARG A 96 -0.30 20.10 5.12
C ARG A 96 -1.53 19.43 5.70
N VAL A 97 -2.72 19.79 5.21
CA VAL A 97 -3.94 19.21 5.79
C VAL A 97 -3.99 17.70 5.58
N THR A 98 -3.49 17.21 4.44
CA THR A 98 -3.51 15.76 4.23
C THR A 98 -2.60 15.04 5.23
N TYR A 99 -1.53 15.68 5.67
CA TYR A 99 -0.69 15.12 6.72
C TYR A 99 -1.38 15.22 8.08
N LYS A 100 -2.08 16.33 8.35
CA LYS A 100 -2.82 16.47 9.58
C LYS A 100 -3.89 15.38 9.72
N ASN A 101 -4.39 14.86 8.62
CA ASN A 101 -5.42 13.82 8.66
C ASN A 101 -4.86 12.41 8.80
N VAL A 102 -3.56 12.25 8.72
CA VAL A 102 -2.96 10.92 8.84
C VAL A 102 -3.40 10.22 10.13
N PRO A 103 -3.39 10.85 11.30
CA PRO A 103 -3.85 10.13 12.51
C PRO A 103 -5.29 9.63 12.42
N ASN A 104 -6.15 10.30 11.64
CA ASN A 104 -7.52 9.84 11.51
C ASN A 104 -7.58 8.57 10.68
N TRP A 105 -6.85 8.54 9.56
CA TRP A 105 -6.78 7.31 8.78
C TRP A 105 -6.22 6.17 9.61
N HIS A 106 -5.16 6.44 10.37
CA HIS A 106 -4.56 5.40 11.19
C HIS A 106 -5.56 4.86 12.20
N ARG A 107 -6.29 5.76 12.87
CA ARG A 107 -7.31 5.35 13.83
C ARG A 107 -8.37 4.49 13.16
N ASP A 108 -8.86 4.91 12.00
CA ASP A 108 -9.87 4.12 11.28
C ASP A 108 -9.34 2.73 10.96
N LEU A 109 -8.07 2.66 10.53
CA LEU A 109 -7.45 1.39 10.18
C LEU A 109 -7.37 0.45 11.39
N VAL A 110 -6.75 0.92 12.46
CA VAL A 110 -6.55 0.11 13.64
C VAL A 110 -7.88 -0.30 14.25
N ARG A 111 -8.92 0.54 14.11
N ARG A 111 -8.91 0.53 14.11
CA ARG A 111 -10.22 0.21 14.69
CA ARG A 111 -10.21 0.20 14.69
C ARG A 111 -10.76 -1.10 14.10
C ARG A 111 -10.76 -1.10 14.10
N VAL A 112 -10.52 -1.32 12.80
CA VAL A 112 -11.06 -2.49 12.11
C VAL A 112 -10.04 -3.62 12.03
N CYS A 113 -8.76 -3.26 11.90
CA CYS A 113 -7.70 -4.22 11.57
C CYS A 113 -6.67 -4.43 12.67
N GLU A 114 -6.77 -3.72 13.80
CA GLU A 114 -5.73 -3.77 14.83
C GLU A 114 -4.32 -3.54 14.30
N ASN A 115 -3.31 -4.29 14.82
N ASN A 115 -3.33 -4.26 14.82
CA ASN A 115 -1.89 -3.94 14.66
CA ASN A 115 -1.93 -3.93 14.60
C ASN A 115 -1.25 -4.40 13.35
C ASN A 115 -1.37 -4.64 13.38
N ILE A 116 -1.95 -4.36 12.22
CA ILE A 116 -1.36 -4.77 10.96
C ILE A 116 -0.17 -3.88 10.63
N PRO A 117 0.80 -4.34 9.84
CA PRO A 117 1.90 -3.46 9.44
C PRO A 117 1.44 -2.39 8.51
N ILE A 118 1.90 -1.17 8.77
CA ILE A 118 1.46 0.01 8.01
C ILE A 118 2.70 0.82 7.62
N VAL A 119 2.73 1.30 6.39
CA VAL A 119 3.78 2.22 5.95
C VAL A 119 3.10 3.56 5.68
N LEU A 120 3.76 4.64 6.09
CA LEU A 120 3.31 6.01 5.84
C LEU A 120 4.10 6.53 4.64
N CYS A 121 3.41 7.08 3.65
CA CYS A 121 4.06 7.56 2.44
C CYS A 121 3.68 9.01 2.18
N GLY A 122 4.68 9.83 2.01
CA GLY A 122 4.51 11.25 1.66
C GLY A 122 4.77 11.39 0.17
N ASN A 123 3.71 11.59 -0.60
CA ASN A 123 3.78 11.59 -2.05
C ASN A 123 3.97 13.00 -2.62
N LYS A 124 4.31 13.02 -3.91
CA LYS A 124 4.50 14.22 -4.72
C LYS A 124 5.81 14.96 -4.38
N VAL A 125 6.85 14.21 -3.97
CA VAL A 125 8.09 14.85 -3.60
C VAL A 125 8.83 15.38 -4.82
N ASP A 126 8.32 15.10 -6.01
CA ASP A 126 8.90 15.71 -7.21
C ASP A 126 8.61 17.19 -7.31
N ILE A 127 7.61 17.68 -6.59
CA ILE A 127 7.23 19.08 -6.66
C ILE A 127 8.17 19.91 -5.78
N LYS A 128 8.81 20.92 -6.38
CA LYS A 128 9.86 21.66 -5.67
C LYS A 128 9.34 22.36 -4.42
N ASP A 129 8.15 22.94 -4.50
CA ASP A 129 7.63 23.75 -3.39
C ASP A 129 6.98 22.81 -2.37
N ARG A 130 7.84 22.12 -1.61
CA ARG A 130 7.41 21.11 -0.65
C ARG A 130 7.06 21.74 0.69
N LYS A 131 5.89 21.38 1.23
CA LYS A 131 5.39 21.97 2.47
C LYS A 131 5.64 21.11 3.70
N VAL A 132 5.50 19.80 3.59
CA VAL A 132 5.69 18.88 4.71
C VAL A 132 7.08 18.26 4.57
N LYS A 133 8.03 18.75 5.37
CA LYS A 133 9.41 18.33 5.26
C LYS A 133 9.76 17.27 6.32
N ALA A 134 10.89 16.60 6.09
CA ALA A 134 11.29 15.48 6.94
C ALA A 134 11.24 15.83 8.43
N LYS A 135 11.72 17.02 8.82
CA LYS A 135 11.73 17.36 10.22
C LYS A 135 10.34 17.33 10.83
N SER A 136 9.31 17.62 10.03
CA SER A 136 7.93 17.63 10.48
C SER A 136 7.26 16.27 10.49
N ILE A 137 7.85 15.25 9.89
CA ILE A 137 7.18 13.98 9.67
C ILE A 137 7.51 13.07 10.84
N VAL A 138 6.58 12.99 11.82
CA VAL A 138 6.84 12.37 13.12
C VAL A 138 5.79 11.33 13.51
N PHE A 139 4.68 11.27 12.79
CA PHE A 139 3.58 10.40 13.21
C PHE A 139 4.03 8.94 13.25
N HIS A 140 4.86 8.52 12.30
CA HIS A 140 5.28 7.12 12.25
C HIS A 140 6.16 6.73 13.43
N ARG A 141 6.99 7.67 13.92
CA ARG A 141 7.82 7.35 15.07
C ARG A 141 6.96 7.00 16.28
N LYS A 142 5.79 7.63 16.39
CA LYS A 142 4.93 7.40 17.54
C LYS A 142 4.28 6.02 17.51
N LYS A 143 4.13 5.41 16.32
CA LYS A 143 3.19 4.30 16.17
C LYS A 143 3.81 3.05 15.53
N ASN A 144 5.12 2.90 15.55
CA ASN A 144 5.78 1.75 14.88
C ASN A 144 5.42 1.67 13.41
N LEU A 145 5.38 2.82 12.75
CA LEU A 145 5.18 2.90 11.32
C LEU A 145 6.49 3.22 10.64
N GLN A 146 6.67 2.69 9.44
CA GLN A 146 7.81 3.07 8.61
C GLN A 146 7.36 4.19 7.69
N TYR A 147 8.27 5.12 7.40
CA TYR A 147 7.94 6.26 6.52
C TYR A 147 8.83 6.22 5.27
N TYR A 148 8.24 6.54 4.11
CA TYR A 148 9.03 6.84 2.92
C TYR A 148 8.48 8.04 2.19
N ASP A 149 9.40 8.87 1.67
CA ASP A 149 9.09 9.81 0.61
C ASP A 149 8.82 9.01 -0.67
N ILE A 150 7.81 9.39 -1.42
CA ILE A 150 7.55 8.77 -2.73
C ILE A 150 7.13 9.85 -3.72
N SER A 151 7.32 9.55 -5.01
CA SER A 151 6.75 10.36 -6.07
C SER A 151 6.12 9.36 -7.05
N ALA A 152 4.79 9.24 -7.01
CA ALA A 152 4.13 8.30 -7.92
C ALA A 152 4.46 8.61 -9.38
N LYS A 153 4.46 9.88 -9.78
N LYS A 153 4.46 9.89 -9.76
CA LYS A 153 4.58 10.21 -11.19
CA LYS A 153 4.58 10.22 -11.18
C LYS A 153 6.01 10.11 -11.72
C LYS A 153 5.96 9.90 -11.73
N SER A 154 6.98 9.81 -10.87
CA SER A 154 8.34 9.54 -11.30
C SER A 154 8.82 8.14 -10.91
N ASN A 155 7.96 7.32 -10.29
CA ASN A 155 8.29 6.03 -9.70
C ASN A 155 9.31 6.10 -8.56
N TYR A 156 9.60 7.28 -8.03
CA TYR A 156 10.62 7.41 -7.01
C TYR A 156 10.19 6.66 -5.75
N ASN A 157 11.07 5.75 -5.29
CA ASN A 157 10.90 4.88 -4.13
C ASN A 157 9.70 3.98 -4.20
N PHE A 158 9.24 3.66 -5.41
CA PHE A 158 7.99 2.90 -5.55
C PHE A 158 8.01 1.61 -4.78
N GLU A 159 9.14 0.87 -4.85
CA GLU A 159 9.19 -0.45 -4.26
C GLU A 159 9.33 -0.46 -2.76
N LYS A 160 9.73 0.67 -2.17
CA LYS A 160 10.16 0.64 -0.78
C LYS A 160 9.05 0.26 0.19
N PRO A 161 7.85 0.81 0.09
CA PRO A 161 6.79 0.38 1.04
C PRO A 161 6.50 -1.07 0.95
N PHE A 162 6.50 -1.62 -0.28
CA PHE A 162 6.20 -3.04 -0.45
C PHE A 162 7.29 -3.93 0.11
N LEU A 163 8.54 -3.56 -0.08
CA LEU A 163 9.61 -4.37 0.48
C LEU A 163 9.52 -4.38 2.00
N TRP A 164 9.29 -3.21 2.61
CA TRP A 164 9.24 -3.19 4.07
C TRP A 164 8.09 -4.05 4.58
N LEU A 165 6.92 -3.90 3.97
CA LEU A 165 5.75 -4.69 4.36
C LEU A 165 6.03 -6.18 4.19
N ALA A 166 6.64 -6.55 3.04
CA ALA A 166 6.93 -7.97 2.80
C ALA A 166 7.82 -8.53 3.89
N ARG A 167 8.86 -7.80 4.27
CA ARG A 167 9.74 -8.25 5.34
C ARG A 167 8.98 -8.45 6.63
N LYS A 168 8.09 -7.51 6.96
CA LYS A 168 7.33 -7.64 8.20
C LYS A 168 6.36 -8.80 8.16
N LEU A 169 5.65 -8.98 7.03
CA LEU A 169 4.58 -9.98 6.95
C LEU A 169 5.16 -11.38 6.95
N ILE A 170 6.26 -11.57 6.20
CA ILE A 170 6.94 -12.86 6.13
C ILE A 170 7.79 -13.14 7.35
N GLY A 171 8.24 -12.10 8.04
CA GLY A 171 9.15 -12.24 9.15
C GLY A 171 10.56 -12.61 8.71
N ASP A 172 11.05 -11.94 7.67
CA ASP A 172 12.38 -12.21 7.12
C ASP A 172 13.01 -10.87 6.86
N PRO A 173 13.88 -10.40 7.75
CA PRO A 173 14.48 -9.07 7.54
C PRO A 173 15.44 -9.00 6.37
N ASN A 174 15.81 -10.13 5.80
CA ASN A 174 16.78 -10.23 4.73
C ASN A 174 16.12 -10.47 3.38
N LEU A 175 14.81 -10.50 3.33
CA LEU A 175 14.11 -10.62 2.07
C LEU A 175 14.47 -9.50 1.15
N GLU A 176 14.63 -9.84 -0.14
CA GLU A 176 14.95 -8.85 -1.16
C GLU A 176 14.07 -9.06 -2.38
N PHE A 177 13.91 -8.00 -3.15
CA PHE A 177 13.30 -8.09 -4.49
C PHE A 177 14.43 -8.34 -5.50
N VAL A 178 14.29 -9.42 -6.32
CA VAL A 178 15.38 -9.77 -7.22
C VAL A 178 15.36 -8.87 -8.46
N ALA A 179 14.21 -8.25 -8.74
CA ALA A 179 14.08 -7.32 -9.84
C ALA A 179 12.94 -6.38 -9.54
N MET A 180 13.04 -5.17 -10.11
CA MET A 180 11.92 -4.25 -9.97
C MET A 180 10.73 -4.72 -10.81
N PRO A 181 9.51 -4.42 -10.40
CA PRO A 181 8.37 -4.66 -11.25
C PRO A 181 8.45 -3.76 -12.47
N ALA A 182 7.76 -4.17 -13.53
CA ALA A 182 7.62 -3.34 -14.70
C ALA A 182 6.65 -2.19 -14.42
N LEU A 183 7.14 -0.97 -14.53
CA LEU A 183 6.36 0.21 -14.13
C LEU A 183 6.16 1.12 -15.32
N ALA A 184 5.03 1.83 -15.29
CA ALA A 184 4.79 2.86 -16.27
C ALA A 184 5.95 3.86 -16.31
N PRO A 185 6.39 4.28 -17.48
CA PRO A 185 7.56 5.16 -17.52
C PRO A 185 7.28 6.46 -16.80
N PRO A 186 8.28 7.02 -16.13
CA PRO A 186 8.07 8.29 -15.40
C PRO A 186 7.43 9.34 -16.28
N GLU A 187 6.44 10.01 -15.73
CA GLU A 187 5.81 11.14 -16.42
C GLU A 187 6.48 12.47 -16.10
N VAL A 188 7.15 12.57 -14.95
CA VAL A 188 7.93 13.74 -14.60
C VAL A 188 9.28 13.25 -14.13
N VAL A 189 10.24 14.18 -14.14
CA VAL A 189 11.58 13.88 -13.66
C VAL A 189 11.61 14.10 -12.15
N MET A 190 12.14 13.15 -11.42
CA MET A 190 12.50 13.36 -10.03
C MET A 190 13.92 13.91 -10.01
N ASP A 191 14.05 15.16 -9.69
CA ASP A 191 15.36 15.82 -9.75
C ASP A 191 16.36 15.07 -8.86
N PRO A 192 17.47 14.58 -9.40
CA PRO A 192 18.40 13.79 -8.56
C PRO A 192 18.90 14.58 -7.35
N ALA A 193 19.17 15.86 -7.52
CA ALA A 193 19.71 16.64 -6.41
C ALA A 193 18.65 16.83 -5.35
N LEU A 194 17.40 17.04 -5.77
CA LEU A 194 16.30 17.14 -4.81
C LEU A 194 16.16 15.84 -4.03
N ALA A 195 16.22 14.71 -4.72
CA ALA A 195 16.12 13.42 -4.04
C ALA A 195 17.22 13.26 -3.01
N ALA A 196 18.46 13.58 -3.40
CA ALA A 196 19.58 13.52 -2.44
C ALA A 196 19.33 14.40 -1.22
N GLN A 197 18.86 15.63 -1.43
N GLN A 197 18.85 15.62 -1.43
CA GLN A 197 18.56 16.51 -0.30
CA GLN A 197 18.57 16.50 -0.30
C GLN A 197 17.54 15.86 0.62
C GLN A 197 17.54 15.86 0.63
N TYR A 198 16.45 15.35 0.07
CA TYR A 198 15.39 14.79 0.88
C TYR A 198 15.86 13.54 1.61
N GLU A 199 16.68 12.70 0.96
CA GLU A 199 17.23 11.54 1.64
C GLU A 199 18.15 11.97 2.79
N HIS A 200 18.99 12.99 2.56
CA HIS A 200 19.81 13.55 3.63
C HIS A 200 18.94 14.07 4.77
N ASP A 201 17.94 14.88 4.45
CA ASP A 201 17.09 15.45 5.49
C ASP A 201 16.46 14.37 6.35
N LEU A 202 16.04 13.26 5.73
CA LEU A 202 15.50 12.14 6.50
C LEU A 202 16.59 11.47 7.32
N GLU A 203 17.78 11.28 6.74
CA GLU A 203 18.89 10.71 7.50
C GLU A 203 19.18 11.57 8.73
N VAL A 204 19.23 12.89 8.54
CA VAL A 204 19.56 13.78 9.65
C VAL A 204 18.49 13.67 10.73
N ALA A 205 17.22 13.74 10.33
CA ALA A 205 16.15 13.62 11.31
C ALA A 205 16.26 12.33 12.11
N GLN A 206 16.74 11.26 11.47
CA GLN A 206 16.77 9.95 12.12
C GLN A 206 17.99 9.77 13.04
N THR A 207 19.11 10.44 12.75
CA THR A 207 20.35 10.25 13.51
C THR A 207 20.65 11.38 14.47
N THR A 208 19.98 12.53 14.32
CA THR A 208 20.37 13.72 15.07
C THR A 208 20.07 13.57 16.55
N ALA A 209 20.94 14.18 17.39
CA ALA A 209 20.79 14.17 18.83
C ALA A 209 20.24 15.51 19.33
N GLY B 6 17.09 -18.19 1.45
CA GLY B 6 15.99 -18.60 2.30
C GLY B 6 15.15 -19.71 1.67
N VAL B 7 14.20 -20.24 2.45
CA VAL B 7 13.34 -21.32 1.99
C VAL B 7 12.28 -20.76 1.05
N GLU B 8 12.11 -21.40 -0.11
CA GLU B 8 11.12 -20.95 -1.07
C GLU B 8 9.72 -21.06 -0.49
N PHE B 9 8.92 -20.00 -0.69
CA PHE B 9 7.53 -20.01 -0.23
C PHE B 9 6.77 -21.22 -0.73
N GLY B 10 7.16 -21.77 -1.90
CA GLY B 10 6.46 -22.91 -2.45
C GLY B 10 6.48 -24.12 -1.53
N GLU B 11 7.66 -24.43 -0.96
CA GLU B 11 7.71 -25.44 0.08
C GLU B 11 7.04 -24.93 1.36
N SER B 12 7.40 -23.70 1.76
CA SER B 12 6.98 -23.16 3.05
C SER B 12 5.47 -23.14 3.20
N LEU B 13 4.74 -22.93 2.11
CA LEU B 13 3.27 -22.82 2.17
C LEU B 13 2.57 -24.09 1.71
N SER B 18 -8.30 -22.48 2.28
CA SER B 18 -8.90 -21.21 1.89
C SER B 18 -9.25 -21.21 0.41
N TRP B 19 -10.25 -20.41 0.05
CA TRP B 19 -10.64 -20.22 -1.34
C TRP B 19 -10.55 -18.74 -1.65
N GLN B 20 -10.31 -18.43 -2.93
CA GLN B 20 -10.08 -17.03 -3.32
C GLN B 20 -11.26 -16.49 -4.10
N CYS B 21 -11.75 -15.34 -3.64
CA CYS B 21 -12.85 -14.65 -4.32
C CYS B 21 -12.41 -14.13 -5.67
N ASP B 22 -13.14 -14.54 -6.72
CA ASP B 22 -12.84 -14.10 -8.09
C ASP B 22 -13.29 -12.68 -8.35
N THR B 23 -13.97 -12.03 -7.40
CA THR B 23 -14.40 -10.64 -7.61
C THR B 23 -13.45 -9.64 -6.98
N CYS B 24 -13.01 -9.89 -5.72
CA CYS B 24 -12.10 -8.96 -5.03
C CYS B 24 -10.78 -9.58 -4.61
N LEU B 25 -10.56 -10.88 -4.89
CA LEU B 25 -9.32 -11.59 -4.63
C LEU B 25 -9.07 -11.90 -3.18
N LEU B 26 -10.01 -11.61 -2.29
CA LEU B 26 -9.81 -11.96 -0.89
C LEU B 26 -9.75 -13.47 -0.75
N GLN B 27 -8.86 -13.92 0.11
CA GLN B 27 -8.78 -15.34 0.47
C GLN B 27 -9.72 -15.56 1.64
N ASN B 28 -10.68 -16.48 1.45
CA ASN B 28 -11.74 -16.75 2.41
C ASN B 28 -11.57 -18.16 2.97
N LYS B 29 -12.14 -18.37 4.15
CA LYS B 29 -12.12 -19.70 4.76
C LYS B 29 -13.21 -20.57 4.16
N VAL B 30 -12.93 -21.88 4.08
CA VAL B 30 -13.81 -22.80 3.38
C VAL B 30 -15.17 -22.92 4.06
N THR B 31 -15.28 -22.53 5.33
CA THR B 31 -16.57 -22.56 6.00
C THR B 31 -17.54 -21.53 5.41
N ASP B 32 -17.03 -20.54 4.68
CA ASP B 32 -17.84 -19.46 4.13
C ASP B 32 -18.17 -19.74 2.68
N ASN B 33 -19.46 -19.71 2.35
CA ASN B 33 -19.94 -19.81 0.98
C ASN B 33 -20.15 -18.46 0.35
N LYS B 34 -19.69 -17.39 1.02
N LYS B 34 -19.69 -17.39 1.01
CA LYS B 34 -19.88 -16.01 0.61
CA LYS B 34 -19.88 -16.00 0.61
C LYS B 34 -18.59 -15.28 0.96
C LYS B 34 -18.60 -15.26 0.96
N CYS B 35 -18.14 -14.39 0.06
CA CYS B 35 -16.93 -13.62 0.34
C CYS B 35 -17.27 -12.61 1.44
N ILE B 36 -16.51 -12.63 2.54
CA ILE B 36 -16.85 -11.76 3.67
C ILE B 36 -16.59 -10.30 3.35
N ALA B 37 -15.76 -10.00 2.34
CA ALA B 37 -15.54 -8.60 2.00
C ALA B 37 -16.62 -8.08 1.05
N CYS B 38 -16.71 -8.65 -0.17
CA CYS B 38 -17.56 -8.09 -1.22
C CYS B 38 -18.89 -8.78 -1.38
N GLN B 39 -19.13 -9.88 -0.68
CA GLN B 39 -20.41 -10.61 -0.64
C GLN B 39 -20.67 -11.47 -1.88
N ALA B 40 -19.69 -11.63 -2.76
CA ALA B 40 -19.84 -12.52 -3.91
C ALA B 40 -19.91 -13.97 -3.43
N ALA B 41 -20.89 -14.71 -3.97
CA ALA B 41 -21.02 -16.11 -3.59
C ALA B 41 -19.80 -16.91 -4.05
N LYS B 42 -19.46 -17.95 -3.27
CA LYS B 42 -18.44 -18.90 -3.72
C LYS B 42 -18.90 -19.63 -4.99
N LEU B 43 -20.19 -19.93 -5.10
CA LEU B 43 -20.73 -20.54 -6.31
C LEU B 43 -21.16 -19.46 -7.31
#